data_8HRV
#
_entry.id   8HRV
#
_cell.length_a   103.869
_cell.length_b   103.869
_cell.length_c   78.651
_cell.angle_alpha   90.000
_cell.angle_beta   90.000
_cell.angle_gamma   120.000
#
_symmetry.space_group_name_H-M   'P 63'
#
loop_
_entity.id
_entity.type
_entity.pdbx_description
1 polymer "Deoxyuridine 5'-triphosphate nucleotidohydrolase"
2 non-polymer "2'-DEOXYURIDINE 5'-ALPHA,BETA-IMIDO-TRIPHOSPHATE"
3 non-polymer 'MAGNESIUM ION'
4 non-polymer 1,2-ETHANEDIOL
5 water water
#
_entity_poly.entity_id   1
_entity_poly.type   'polypeptide(L)'
_entity_poly.pdbx_seq_one_letter_code
;AMKIKIQKIHPNALIPKYQTDGSSGFDLHAVEEVMIKPHSVGLVKIGICLSLEVGYELQVRTRSGLALNHQVMVLNSPGT
VDNDYRGEIKVILANLSDKDFKVQVGDRIAQGVVQKTYKAEFIECEQLDETSRGSGGFGSTGVSKAHHHHHH
;
_entity_poly.pdbx_strand_id   A,B,C
#
# COMPACT_ATOMS: atom_id res chain seq x y z
N ALA A 1 19.79 -9.92 1.64
CA ALA A 1 19.28 -10.30 2.98
C ALA A 1 19.61 -9.21 3.99
N MET A 2 18.81 -9.20 5.04
CA MET A 2 19.01 -8.27 6.15
C MET A 2 18.55 -9.02 7.39
N LYS A 3 18.84 -8.47 8.58
CA LYS A 3 18.57 -9.18 9.82
C LYS A 3 17.49 -8.43 10.58
N ILE A 4 16.57 -9.21 11.18
CA ILE A 4 15.59 -8.70 12.12
C ILE A 4 15.74 -9.45 13.45
N LYS A 5 16.04 -8.71 14.51
CA LYS A 5 15.97 -9.22 15.86
C LYS A 5 14.50 -9.26 16.27
N ILE A 6 14.05 -10.40 16.79
CA ILE A 6 12.67 -10.63 17.14
C ILE A 6 12.59 -11.11 18.59
N GLN A 7 11.71 -10.46 19.37
CA GLN A 7 11.41 -10.84 20.74
C GLN A 7 9.96 -11.28 20.81
N LYS A 8 9.71 -12.51 21.27
CA LYS A 8 8.33 -12.93 21.49
C LYS A 8 7.84 -12.43 22.84
N ILE A 9 6.63 -11.89 22.91
CA ILE A 9 6.13 -11.34 24.16
C ILE A 9 4.78 -11.97 24.52
N HIS A 10 4.39 -13.00 23.79
CA HIS A 10 3.15 -13.71 24.04
C HIS A 10 3.43 -15.20 23.84
N PRO A 11 2.88 -16.07 24.70
CA PRO A 11 3.09 -17.51 24.53
C PRO A 11 2.67 -18.06 23.16
N ASN A 12 1.71 -17.42 22.45
CA ASN A 12 1.27 -17.96 21.16
C ASN A 12 2.02 -17.35 19.97
N ALA A 13 3.02 -16.50 20.25
CA ALA A 13 3.74 -15.81 19.19
C ALA A 13 4.57 -16.80 18.38
N LEU A 14 4.59 -16.60 17.07
CA LEU A 14 5.36 -17.38 16.12
C LEU A 14 6.31 -16.50 15.32
N ILE A 15 7.51 -17.02 15.04
CA ILE A 15 8.41 -16.36 14.11
C ILE A 15 7.77 -16.42 12.73
N PRO A 16 7.53 -15.28 12.05
CA PRO A 16 6.90 -15.32 10.72
C PRO A 16 7.74 -16.09 9.69
N LYS A 17 7.02 -16.73 8.75
CA LYS A 17 7.64 -17.50 7.67
C LYS A 17 7.18 -17.01 6.29
N TYR A 18 8.13 -17.00 5.36
CA TYR A 18 7.86 -16.86 3.94
C TYR A 18 7.16 -18.14 3.47
N GLN A 19 5.89 -18.07 2.98
CA GLN A 19 5.08 -19.27 2.77
C GLN A 19 5.47 -20.01 1.48
N THR A 20 6.10 -19.34 0.50
CA THR A 20 6.75 -19.96 -0.66
C THR A 20 8.16 -19.38 -0.78
N ASP A 21 9.03 -20.03 -1.55
CA ASP A 21 10.44 -19.64 -1.61
C ASP A 21 10.66 -18.26 -2.26
N GLY A 22 9.78 -17.85 -3.19
CA GLY A 22 9.90 -16.56 -3.87
C GLY A 22 8.93 -15.51 -3.31
N SER A 23 8.36 -15.77 -2.14
CA SER A 23 7.35 -14.90 -1.55
C SER A 23 8.00 -13.59 -1.12
N SER A 24 7.32 -12.47 -1.38
CA SER A 24 7.80 -11.18 -0.94
C SER A 24 7.69 -11.07 0.59
N GLY A 25 6.60 -11.62 1.13
CA GLY A 25 6.19 -11.36 2.50
C GLY A 25 6.22 -12.60 3.38
N PHE A 26 6.30 -12.36 4.68
CA PHE A 26 6.12 -13.40 5.66
C PHE A 26 4.81 -13.15 6.39
N ASP A 27 4.06 -14.22 6.61
CA ASP A 27 2.73 -14.12 7.14
C ASP A 27 2.78 -13.90 8.65
N LEU A 28 1.86 -13.06 9.15
CA LEU A 28 1.78 -12.68 10.55
C LEU A 28 0.62 -13.44 11.20
N HIS A 29 0.91 -14.14 12.31
CA HIS A 29 -0.06 -15.00 13.01
C HIS A 29 -0.68 -14.29 14.24
N ALA A 30 -2.02 -14.23 14.31
CA ALA A 30 -2.71 -13.74 15.49
C ALA A 30 -2.36 -14.55 16.73
N VAL A 31 -2.22 -13.88 17.87
CA VAL A 31 -1.93 -14.59 19.12
C VAL A 31 -3.17 -14.64 20.00
N GLU A 32 -4.20 -13.89 19.67
CA GLU A 32 -5.45 -13.87 20.44
C GLU A 32 -6.62 -13.79 19.50
N GLU A 33 -7.74 -14.41 19.91
CA GLU A 33 -8.97 -14.41 19.14
C GLU A 33 -9.59 -13.01 19.12
N VAL A 34 -10.19 -12.63 18.01
CA VAL A 34 -10.79 -11.31 17.87
C VAL A 34 -12.04 -11.49 17.00
N MET A 35 -13.18 -10.97 17.44
CA MET A 35 -14.38 -10.95 16.59
C MET A 35 -14.49 -9.58 15.95
N ILE A 36 -14.61 -9.52 14.62
CA ILE A 36 -14.79 -8.22 13.97
C ILE A 36 -16.16 -8.16 13.33
N LYS A 37 -16.99 -7.24 13.83
CA LYS A 37 -18.38 -7.11 13.39
C LYS A 37 -18.41 -6.49 11.98
N PRO A 38 -19.54 -6.59 11.24
CA PRO A 38 -19.69 -5.94 9.93
C PRO A 38 -19.34 -4.46 10.01
N HIS A 39 -18.62 -3.96 9.00
CA HIS A 39 -18.31 -2.54 8.84
C HIS A 39 -17.60 -1.97 10.07
N SER A 40 -16.69 -2.76 10.62
CA SER A 40 -15.96 -2.38 11.81
CA SER A 40 -15.95 -2.34 11.79
C SER A 40 -14.48 -2.75 11.64
N VAL A 41 -13.69 -2.40 12.64
CA VAL A 41 -12.26 -2.69 12.64
CA VAL A 41 -12.26 -2.60 12.69
C VAL A 41 -11.94 -3.41 13.94
N GLY A 42 -10.93 -4.26 13.89
CA GLY A 42 -10.39 -4.87 15.08
C GLY A 42 -8.87 -4.80 15.05
N LEU A 43 -8.27 -4.78 16.23
CA LEU A 43 -6.84 -4.71 16.35
C LEU A 43 -6.35 -6.11 16.67
N VAL A 44 -5.50 -6.69 15.80
CA VAL A 44 -5.02 -8.04 15.97
C VAL A 44 -3.57 -7.99 16.47
N LYS A 45 -3.30 -8.62 17.61
CA LYS A 45 -1.97 -8.66 18.19
C LYS A 45 -1.15 -9.79 17.57
N ILE A 46 0.11 -9.52 17.25
CA ILE A 46 1.00 -10.54 16.68
C ILE A 46 1.99 -11.03 17.76
N GLY A 47 2.12 -10.32 18.89
CA GLY A 47 2.84 -10.85 20.04
C GLY A 47 4.36 -10.88 19.87
N ILE A 48 4.87 -10.07 18.93
CA ILE A 48 6.29 -9.98 18.64
C ILE A 48 6.68 -8.51 18.61
N CYS A 49 7.91 -8.25 19.03
CA CYS A 49 8.54 -6.94 18.95
C CYS A 49 9.81 -7.10 18.10
N LEU A 50 10.09 -6.14 17.22
CA LEU A 50 11.17 -6.27 16.25
C LEU A 50 12.22 -5.16 16.39
N SER A 51 13.45 -5.50 16.01
CA SER A 51 14.48 -4.51 15.74
C SER A 51 15.10 -4.81 14.38
N LEU A 52 14.65 -4.06 13.36
CA LEU A 52 15.14 -4.19 12.01
C LEU A 52 16.53 -3.58 11.92
N GLU A 53 17.38 -4.23 11.12
CA GLU A 53 18.63 -3.64 10.68
C GLU A 53 18.40 -2.19 10.27
N VAL A 54 19.34 -1.30 10.61
CA VAL A 54 19.21 0.12 10.26
C VAL A 54 19.07 0.26 8.74
N GLY A 55 18.20 1.16 8.29
CA GLY A 55 18.01 1.36 6.86
C GLY A 55 16.84 0.57 6.26
N TYR A 56 16.00 -0.07 7.08
CA TYR A 56 14.89 -0.87 6.62
C TYR A 56 13.64 -0.58 7.45
N GLU A 57 12.49 -0.76 6.80
CA GLU A 57 11.16 -0.69 7.39
C GLU A 57 10.45 -2.01 7.12
N LEU A 58 9.32 -2.21 7.81
CA LEU A 58 8.42 -3.33 7.52
C LEU A 58 7.07 -2.79 7.08
N GLN A 59 6.57 -3.27 5.94
CA GLN A 59 5.22 -2.94 5.48
C GLN A 59 4.26 -4.08 5.87
N VAL A 60 3.12 -3.72 6.45
CA VAL A 60 2.08 -4.65 6.83
C VAL A 60 1.00 -4.60 5.74
N ARG A 61 0.90 -5.68 4.96
CA ARG A 61 0.06 -5.68 3.79
C ARG A 61 -1.08 -6.71 3.93
N THR A 62 -2.18 -6.38 3.26
CA THR A 62 -3.32 -7.23 3.09
C THR A 62 -2.97 -8.49 2.29
N ARG A 63 -3.52 -9.63 2.71
CA ARG A 63 -3.56 -10.89 1.97
C ARG A 63 -4.76 -10.91 1.03
N SER A 64 -4.48 -11.28 -0.22
CA SER A 64 -5.43 -11.22 -1.31
C SER A 64 -6.60 -12.18 -1.09
N GLY A 65 -6.37 -13.37 -0.56
CA GLY A 65 -7.43 -14.36 -0.39
C GLY A 65 -8.55 -13.88 0.54
N LEU A 66 -8.17 -13.37 1.72
CA LEU A 66 -9.11 -12.85 2.69
C LEU A 66 -9.84 -11.62 2.16
N ALA A 67 -9.15 -10.76 1.40
CA ALA A 67 -9.79 -9.61 0.79
C ALA A 67 -10.86 -10.06 -0.21
N LEU A 68 -10.50 -10.96 -1.13
CA LEU A 68 -11.44 -11.40 -2.15
C LEU A 68 -12.64 -12.13 -1.53
N ASN A 69 -12.39 -13.04 -0.59
CA ASN A 69 -13.38 -13.98 -0.13
C ASN A 69 -14.19 -13.48 1.07
N HIS A 70 -13.67 -12.53 1.84
CA HIS A 70 -14.32 -12.05 3.05
C HIS A 70 -14.38 -10.53 3.15
N GLN A 71 -13.84 -9.81 2.15
CA GLN A 71 -13.82 -8.34 2.18
C GLN A 71 -13.20 -7.86 3.50
N VAL A 72 -12.15 -8.56 3.94
CA VAL A 72 -11.34 -8.21 5.09
C VAL A 72 -9.99 -7.70 4.57
N MET A 73 -9.57 -6.53 5.07
CA MET A 73 -8.27 -5.99 4.63
C MET A 73 -7.58 -5.24 5.78
N VAL A 74 -6.30 -4.95 5.57
CA VAL A 74 -5.52 -4.21 6.53
C VAL A 74 -5.81 -2.74 6.26
N LEU A 75 -6.44 -2.05 7.22
CA LEU A 75 -7.09 -0.80 6.88
C LEU A 75 -6.08 0.28 6.50
N ASN A 76 -4.92 0.26 7.16
CA ASN A 76 -3.81 1.15 6.85
C ASN A 76 -2.78 0.55 5.88
N SER A 77 -3.15 -0.44 5.06
CA SER A 77 -2.23 -1.06 4.11
C SER A 77 -1.64 0.01 3.19
N PRO A 78 -0.31 0.04 2.94
CA PRO A 78 0.67 -0.83 3.61
C PRO A 78 1.00 -0.18 4.94
N GLY A 79 0.80 -0.88 6.04
CA GLY A 79 1.07 -0.33 7.36
C GLY A 79 2.56 -0.10 7.54
N THR A 80 2.94 1.07 8.06
CA THR A 80 4.32 1.48 8.16
C THR A 80 4.84 1.10 9.54
N VAL A 81 5.68 0.07 9.60
CA VAL A 81 6.45 -0.24 10.81
C VAL A 81 7.85 0.37 10.71
N ASP A 82 8.05 1.42 11.52
CA ASP A 82 9.27 2.21 11.50
C ASP A 82 10.46 1.44 12.03
N ASN A 83 11.63 1.78 11.50
CA ASN A 83 12.89 1.20 11.93
C ASN A 83 13.07 1.32 13.44
N ASP A 84 12.61 2.44 14.05
CA ASP A 84 12.83 2.70 15.47
C ASP A 84 11.68 2.22 16.36
N TYR A 85 10.71 1.48 15.81
CA TYR A 85 9.64 0.98 16.65
C TYR A 85 10.07 -0.27 17.42
N ARG A 86 9.81 -0.30 18.72
CA ARG A 86 10.21 -1.43 19.55
C ARG A 86 9.01 -2.07 20.23
N GLY A 87 7.81 -1.62 19.89
CA GLY A 87 6.58 -2.16 20.48
C GLY A 87 6.11 -3.42 19.79
N GLU A 88 4.93 -3.88 20.19
CA GLU A 88 4.33 -5.07 19.62
C GLU A 88 3.80 -4.75 18.23
N ILE A 89 4.05 -5.63 17.27
CA ILE A 89 3.46 -5.54 15.96
C ILE A 89 1.98 -5.85 16.09
N LYS A 90 1.13 -4.94 15.58
CA LYS A 90 -0.31 -5.10 15.61
C LYS A 90 -0.87 -4.80 14.23
N VAL A 91 -1.99 -5.43 13.90
CA VAL A 91 -2.61 -5.33 12.61
C VAL A 91 -4.03 -4.75 12.78
N ILE A 92 -4.32 -3.68 12.04
CA ILE A 92 -5.68 -3.13 11.99
C ILE A 92 -6.45 -3.80 10.87
N LEU A 93 -7.38 -4.70 11.22
CA LEU A 93 -8.17 -5.36 10.19
C LEU A 93 -9.52 -4.69 10.11
N ALA A 94 -9.93 -4.32 8.89
CA ALA A 94 -11.29 -3.87 8.65
C ALA A 94 -12.09 -4.99 8.00
N ASN A 95 -13.35 -5.12 8.47
CA ASN A 95 -14.35 -6.00 7.89
C ASN A 95 -15.33 -5.14 7.11
N LEU A 96 -15.21 -5.13 5.78
CA LEU A 96 -16.11 -4.33 4.96
C LEU A 96 -17.32 -5.16 4.52
N SER A 97 -17.44 -6.41 4.98
CA SER A 97 -18.58 -7.27 4.63
C SER A 97 -19.77 -6.99 5.55
N ASP A 98 -20.86 -7.71 5.24
CA ASP A 98 -22.07 -7.70 6.04
C ASP A 98 -22.09 -8.86 7.02
N LYS A 99 -21.02 -9.66 7.13
CA LYS A 99 -20.97 -10.84 8.00
C LYS A 99 -19.91 -10.62 9.09
N ASP A 100 -20.11 -11.22 10.26
CA ASP A 100 -19.08 -11.28 11.28
C ASP A 100 -17.84 -11.99 10.75
N PHE A 101 -16.64 -11.54 11.14
CA PHE A 101 -15.40 -12.21 10.77
C PHE A 101 -14.61 -12.51 12.04
N LYS A 102 -14.28 -13.77 12.27
CA LYS A 102 -13.62 -14.17 13.50
C LYS A 102 -12.16 -14.48 13.17
N VAL A 103 -11.25 -13.84 13.89
CA VAL A 103 -9.84 -14.19 13.82
C VAL A 103 -9.56 -15.22 14.92
N GLN A 104 -9.06 -16.40 14.55
CA GLN A 104 -8.65 -17.39 15.53
C GLN A 104 -7.15 -17.26 15.81
N VAL A 105 -6.75 -17.71 16.99
CA VAL A 105 -5.35 -17.83 17.35
C VAL A 105 -4.66 -18.62 16.23
N GLY A 106 -3.51 -18.12 15.74
CA GLY A 106 -2.72 -18.78 14.71
C GLY A 106 -3.06 -18.35 13.29
N ASP A 107 -4.20 -17.69 13.10
CA ASP A 107 -4.64 -17.27 11.77
C ASP A 107 -3.66 -16.26 11.18
N ARG A 108 -3.31 -16.48 9.90
CA ARG A 108 -2.41 -15.60 9.16
C ARG A 108 -3.26 -14.54 8.49
N ILE A 109 -3.29 -13.35 9.06
CA ILE A 109 -4.25 -12.35 8.64
C ILE A 109 -3.62 -11.10 8.01
N ALA A 110 -2.32 -11.12 7.78
CA ALA A 110 -1.58 -10.10 7.08
C ALA A 110 -0.21 -10.67 6.73
N GLN A 111 0.55 -9.91 5.93
CA GLN A 111 1.93 -10.26 5.62
C GLN A 111 2.83 -9.06 5.86
N GLY A 112 4.06 -9.33 6.28
CA GLY A 112 5.11 -8.34 6.43
C GLY A 112 6.08 -8.39 5.27
N VAL A 113 6.38 -7.23 4.69
CA VAL A 113 7.34 -7.14 3.59
C VAL A 113 8.39 -6.11 3.99
N VAL A 114 9.66 -6.53 4.02
CA VAL A 114 10.76 -5.59 4.29
C VAL A 114 11.02 -4.73 3.06
N GLN A 115 11.23 -3.44 3.29
CA GLN A 115 11.67 -2.54 2.27
C GLN A 115 12.81 -1.66 2.83
N LYS A 116 13.72 -1.28 1.94
CA LYS A 116 14.75 -0.31 2.27
C LYS A 116 14.13 1.10 2.37
N THR A 117 14.63 1.92 3.29
CA THR A 117 14.18 3.28 3.47
C THR A 117 15.20 4.27 2.92
N TYR A 118 14.66 5.46 2.56
CA TYR A 118 15.44 6.51 1.93
C TYR A 118 14.99 7.82 2.55
N LYS A 119 15.86 8.46 3.33
CA LYS A 119 15.51 9.67 4.05
C LYS A 119 15.66 10.90 3.14
N ALA A 120 14.64 11.75 3.16
CA ALA A 120 14.61 12.95 2.35
C ALA A 120 15.14 14.13 3.14
N GLU A 121 15.86 15.00 2.45
CA GLU A 121 16.16 16.33 2.93
C GLU A 121 15.42 17.32 2.04
N PHE A 122 14.66 18.23 2.66
CA PHE A 122 13.86 19.17 1.91
C PHE A 122 14.68 20.43 1.65
N ILE A 123 14.60 20.93 0.43
CA ILE A 123 15.17 22.21 0.08
C ILE A 123 14.08 23.09 -0.49
N GLU A 124 13.74 24.17 0.21
CA GLU A 124 12.65 25.01 -0.23
C GLU A 124 13.09 25.87 -1.44
N CYS A 125 12.22 25.89 -2.44
CA CYS A 125 12.43 26.55 -3.72
C CYS A 125 11.22 27.41 -4.06
N GLU A 126 11.45 28.45 -4.86
CA GLU A 126 10.38 29.31 -5.33
C GLU A 126 9.81 28.71 -6.60
N GLN A 127 10.60 27.95 -7.36
CA GLN A 127 10.14 27.41 -8.63
C GLN A 127 10.78 26.02 -8.84
N LEU A 128 10.04 25.12 -9.51
CA LEU A 128 10.51 23.77 -9.79
C LEU A 128 10.83 23.64 -11.29
N ASP A 129 11.64 22.63 -11.65
CA ASP A 129 11.85 22.26 -13.04
C ASP A 129 10.57 21.73 -13.65
N GLU A 130 10.39 21.97 -14.97
CA GLU A 130 9.22 21.55 -15.71
C GLU A 130 9.43 20.14 -16.25
N THR A 131 8.31 19.40 -16.38
CA THR A 131 8.30 18.03 -16.88
C THR A 131 7.15 17.92 -17.87
N SER A 132 7.08 16.80 -18.62
CA SER A 132 5.99 16.57 -19.55
C SER A 132 4.67 16.24 -18.82
N ARG A 133 4.72 15.41 -17.77
CA ARG A 133 3.50 15.21 -16.97
C ARG A 133 3.03 16.55 -16.40
N GLY A 134 3.98 17.35 -15.86
CA GLY A 134 3.64 18.62 -15.26
C GLY A 134 2.68 18.40 -14.09
N SER A 135 1.56 19.16 -14.09
CA SER A 135 0.55 19.15 -13.05
C SER A 135 -0.52 18.07 -13.26
N GLY A 136 -0.37 17.22 -14.29
CA GLY A 136 -1.37 16.21 -14.56
C GLY A 136 -1.33 15.10 -13.52
N GLY A 137 -2.49 14.83 -12.90
CA GLY A 137 -2.71 13.72 -12.01
C GLY A 137 -4.19 13.36 -11.95
N PHE A 138 -4.58 12.47 -11.02
CA PHE A 138 -5.98 12.11 -10.79
C PHE A 138 -6.76 11.90 -12.09
N GLY A 139 -6.28 11.00 -12.96
CA GLY A 139 -7.04 10.61 -14.15
C GLY A 139 -6.54 11.31 -15.42
N SER A 140 -5.47 12.13 -15.34
CA SER A 140 -4.96 12.94 -16.45
C SER A 140 -4.62 12.10 -17.69
N THR A 141 -4.27 10.81 -17.52
CA THR A 141 -3.88 9.95 -18.65
C THR A 141 -5.08 9.17 -19.20
N GLY A 142 -6.27 9.31 -18.61
CA GLY A 142 -7.48 8.61 -19.04
C GLY A 142 -7.68 7.26 -18.36
N VAL A 143 -8.80 6.60 -18.69
CA VAL A 143 -9.10 5.24 -18.26
C VAL A 143 -9.15 4.25 -19.45
N SER A 144 -9.71 4.64 -20.62
CA SER A 144 -9.77 3.73 -21.78
C SER A 144 -8.37 3.31 -22.31
N ALA B 1 20.61 9.29 2.01
CA ALA B 1 19.80 10.52 1.83
C ALA B 1 19.51 10.73 0.35
N MET B 2 18.47 11.51 0.10
CA MET B 2 18.19 12.08 -1.20
C MET B 2 17.53 13.44 -0.91
N LYS B 3 17.35 14.25 -1.95
CA LYS B 3 16.91 15.61 -1.79
C LYS B 3 15.56 15.73 -2.47
N ILE B 4 14.68 16.55 -1.86
CA ILE B 4 13.41 16.93 -2.43
C ILE B 4 13.34 18.45 -2.43
N LYS B 5 13.16 19.02 -3.60
CA LYS B 5 12.84 20.44 -3.72
C LYS B 5 11.34 20.57 -3.47
N ILE B 6 10.98 21.51 -2.61
CA ILE B 6 9.61 21.73 -2.20
C ILE B 6 9.26 23.20 -2.41
N GLN B 7 8.16 23.41 -3.12
CA GLN B 7 7.57 24.73 -3.30
C GLN B 7 6.22 24.79 -2.57
N LYS B 8 6.08 25.72 -1.62
CA LYS B 8 4.81 25.97 -0.97
C LYS B 8 3.90 26.80 -1.88
N ILE B 9 2.65 26.39 -2.10
CA ILE B 9 1.77 27.12 -3.01
C ILE B 9 0.50 27.52 -2.26
N HIS B 10 0.46 27.30 -0.94
CA HIS B 10 -0.65 27.74 -0.14
C HIS B 10 -0.11 28.42 1.12
N PRO B 11 -0.73 29.51 1.58
CA PRO B 11 -0.27 30.17 2.80
C PRO B 11 -0.18 29.26 4.03
N ASN B 12 -1.02 28.20 4.12
CA ASN B 12 -1.01 27.34 5.32
C ASN B 12 -0.12 26.11 5.14
N ALA B 13 0.58 26.00 4.00
CA ALA B 13 1.46 24.86 3.74
C ALA B 13 2.62 24.80 4.75
N LEU B 14 2.96 23.56 5.13
CA LEU B 14 4.06 23.29 6.03
C LEU B 14 5.03 22.29 5.40
N ILE B 15 6.33 22.51 5.62
CA ILE B 15 7.32 21.55 5.21
C ILE B 15 7.15 20.27 6.03
N PRO B 16 6.91 19.10 5.42
CA PRO B 16 6.74 17.86 6.20
C PRO B 16 7.96 17.48 7.03
N LYS B 17 7.71 16.84 8.19
CA LYS B 17 8.78 16.39 9.07
C LYS B 17 8.60 14.91 9.41
N TYR B 18 9.75 14.24 9.54
CA TYR B 18 9.84 12.93 10.15
C TYR B 18 9.56 13.07 11.65
N GLN B 19 8.51 12.42 12.18
CA GLN B 19 8.04 12.72 13.53
C GLN B 19 8.89 12.04 14.61
N THR B 20 9.61 10.95 14.26
CA THR B 20 10.63 10.34 15.10
C THR B 20 11.85 10.13 14.22
N ASP B 21 13.02 9.94 14.82
CA ASP B 21 14.28 9.87 14.08
C ASP B 21 14.36 8.68 13.10
N GLY B 22 13.74 7.54 13.42
CA GLY B 22 13.74 6.41 12.51
C GLY B 22 12.42 6.18 11.77
N SER B 23 11.58 7.23 11.71
CA SER B 23 10.29 7.12 11.02
C SER B 23 10.52 6.96 9.52
N SER B 24 9.73 6.10 8.87
CA SER B 24 9.83 5.92 7.44
C SER B 24 9.31 7.15 6.71
N GLY B 25 8.23 7.71 7.25
CA GLY B 25 7.43 8.72 6.56
C GLY B 25 7.52 10.08 7.23
N PHE B 26 7.28 11.11 6.41
CA PHE B 26 7.08 12.44 6.91
C PHE B 26 5.59 12.77 6.79
N ASP B 27 5.07 13.45 7.80
CA ASP B 27 3.64 13.64 7.92
C ASP B 27 3.23 14.83 7.05
N LEU B 28 2.08 14.70 6.40
CA LEU B 28 1.56 15.71 5.47
C LEU B 28 0.41 16.45 6.16
N HIS B 29 0.48 17.79 6.15
CA HIS B 29 -0.44 18.66 6.87
C HIS B 29 -1.51 19.23 5.94
N ALA B 30 -2.78 19.09 6.31
CA ALA B 30 -3.88 19.71 5.56
C ALA B 30 -3.73 21.24 5.55
N VAL B 31 -4.08 21.89 4.44
CA VAL B 31 -4.06 23.35 4.41
C VAL B 31 -5.45 23.94 4.48
N GLU B 32 -6.49 23.09 4.37
CA GLU B 32 -7.87 23.52 4.46
C GLU B 32 -8.65 22.63 5.41
N GLU B 33 -9.66 23.22 6.06
CA GLU B 33 -10.58 22.45 6.88
C GLU B 33 -11.60 21.77 5.97
N VAL B 34 -11.81 20.47 6.19
CA VAL B 34 -12.74 19.71 5.36
C VAL B 34 -13.48 18.73 6.26
N MET B 35 -14.80 18.68 6.08
CA MET B 35 -15.64 17.74 6.83
C MET B 35 -15.88 16.55 5.93
N ILE B 36 -15.58 15.34 6.40
CA ILE B 36 -15.82 14.15 5.60
C ILE B 36 -16.95 13.36 6.25
N LYS B 37 -18.04 13.20 5.48
CA LYS B 37 -19.26 12.60 5.99
C LYS B 37 -19.05 11.09 6.13
N PRO B 38 -19.91 10.37 6.89
CA PRO B 38 -19.84 8.90 6.97
C PRO B 38 -19.86 8.27 5.60
N HIS B 39 -19.02 7.23 5.38
CA HIS B 39 -19.02 6.43 4.17
C HIS B 39 -18.82 7.29 2.93
N SER B 40 -17.95 8.31 3.04
CA SER B 40 -17.63 9.13 1.89
C SER B 40 -16.14 9.45 1.87
N VAL B 41 -15.77 10.20 0.82
CA VAL B 41 -14.39 10.54 0.54
CA VAL B 41 -14.39 10.53 0.52
C VAL B 41 -14.29 12.05 0.50
N GLY B 42 -13.15 12.59 0.95
CA GLY B 42 -12.83 13.99 0.80
C GLY B 42 -11.42 14.17 0.25
N LEU B 43 -11.20 15.26 -0.48
CA LEU B 43 -9.91 15.57 -1.05
C LEU B 43 -9.24 16.57 -0.12
N VAL B 44 -8.07 16.20 0.44
CA VAL B 44 -7.35 17.10 1.33
C VAL B 44 -6.14 17.61 0.56
N LYS B 45 -6.06 18.95 0.40
CA LYS B 45 -4.92 19.58 -0.23
C LYS B 45 -3.79 19.75 0.77
N ILE B 46 -2.55 19.52 0.33
CA ILE B 46 -1.36 19.69 1.15
C ILE B 46 -0.63 21.00 0.79
N GLY B 47 -0.95 21.61 -0.36
CA GLY B 47 -0.45 22.95 -0.66
C GLY B 47 1.05 23.03 -0.95
N ILE B 48 1.63 21.91 -1.38
CA ILE B 48 3.04 21.79 -1.73
C ILE B 48 3.14 21.11 -3.08
N CYS B 49 4.20 21.48 -3.80
CA CYS B 49 4.60 20.82 -5.03
C CYS B 49 6.03 20.37 -4.82
N LEU B 50 6.37 19.19 -5.33
CA LEU B 50 7.65 18.57 -5.07
C LEU B 50 8.41 18.29 -6.38
N SER B 51 9.75 18.34 -6.25
CA SER B 51 10.63 17.76 -7.24
C SER B 51 11.61 16.82 -6.54
N LEU B 52 11.30 15.53 -6.58
CA LEU B 52 12.17 14.50 -6.02
C LEU B 52 13.39 14.34 -6.90
N GLU B 53 14.53 14.11 -6.26
CA GLU B 53 15.72 13.68 -6.99
C GLU B 53 15.34 12.53 -7.92
N VAL B 54 15.93 12.51 -9.11
CA VAL B 54 15.66 11.48 -10.11
C VAL B 54 15.93 10.09 -9.52
N GLY B 55 15.08 9.12 -9.81
CA GLY B 55 15.29 7.77 -9.33
C GLY B 55 14.34 7.37 -8.18
N TYR B 56 13.47 8.29 -7.74
CA TYR B 56 12.69 8.11 -6.54
C TYR B 56 11.24 8.51 -6.79
N GLU B 57 10.33 7.87 -6.05
CA GLU B 57 8.90 8.18 -6.00
C GLU B 57 8.55 8.50 -4.56
N LEU B 58 7.36 9.06 -4.38
CA LEU B 58 6.78 9.26 -3.07
C LEU B 58 5.51 8.42 -2.94
N GLN B 59 5.41 7.62 -1.87
CA GLN B 59 4.18 6.92 -1.51
C GLN B 59 3.39 7.72 -0.46
N VAL B 60 2.08 7.88 -0.70
CA VAL B 60 1.17 8.53 0.24
C VAL B 60 0.42 7.43 0.99
N ARG B 61 0.77 7.28 2.28
CA ARG B 61 0.28 6.19 3.08
C ARG B 61 -0.62 6.69 4.23
N THR B 62 -1.54 5.79 4.60
CA THR B 62 -2.40 5.92 5.77
C THR B 62 -1.57 5.91 7.07
N ARG B 63 -1.96 6.78 8.01
CA ARG B 63 -1.50 6.78 9.39
C ARG B 63 -2.35 5.79 10.21
N SER B 64 -1.66 4.96 11.02
CA SER B 64 -2.29 3.89 11.76
C SER B 64 -3.25 4.43 12.82
N GLY B 65 -2.91 5.53 13.51
CA GLY B 65 -3.77 6.00 14.61
C GLY B 65 -5.19 6.40 14.15
N LEU B 66 -5.26 7.19 13.08
CA LEU B 66 -6.51 7.63 12.50
C LEU B 66 -7.29 6.46 11.90
N ALA B 67 -6.59 5.47 11.32
CA ALA B 67 -7.28 4.28 10.82
C ALA B 67 -7.95 3.53 11.99
N LEU B 68 -7.18 3.25 13.06
CA LEU B 68 -7.71 2.48 14.17
C LEU B 68 -8.85 3.23 14.88
N ASN B 69 -8.65 4.50 15.16
CA ASN B 69 -9.52 5.25 16.06
C ASN B 69 -10.71 5.90 15.33
N HIS B 70 -10.60 6.15 14.01
CA HIS B 70 -11.64 6.85 13.28
C HIS B 70 -12.07 6.12 12.01
N GLN B 71 -11.46 4.99 11.69
CA GLN B 71 -11.73 4.29 10.42
C GLN B 71 -11.60 5.24 9.25
N VAL B 72 -10.57 6.10 9.32
CA VAL B 72 -10.19 7.01 8.25
C VAL B 72 -8.91 6.45 7.60
N MET B 73 -8.89 6.39 6.26
CA MET B 73 -7.68 5.95 5.57
C MET B 73 -7.52 6.68 4.25
N VAL B 74 -6.32 6.55 3.69
CA VAL B 74 -6.00 7.09 2.38
C VAL B 74 -6.52 6.07 1.36
N LEU B 75 -7.53 6.44 0.58
CA LEU B 75 -8.31 5.45 -0.15
C LEU B 75 -7.47 4.74 -1.21
N ASN B 76 -6.52 5.47 -1.82
CA ASN B 76 -5.60 4.93 -2.81
C ASN B 76 -4.24 4.53 -2.22
N SER B 77 -4.16 4.25 -0.91
CA SER B 77 -2.93 3.87 -0.25
C SER B 77 -2.34 2.62 -0.92
N PRO B 78 -1.03 2.57 -1.23
CA PRO B 78 -0.10 3.69 -1.13
C PRO B 78 -0.27 4.53 -2.38
N GLY B 79 -0.59 5.83 -2.21
CA GLY B 79 -0.77 6.71 -3.36
C GLY B 79 0.56 6.91 -4.07
N THR B 80 0.55 6.83 -5.39
CA THR B 80 1.76 6.90 -6.18
C THR B 80 2.00 8.33 -6.63
N VAL B 81 3.04 8.97 -6.08
CA VAL B 81 3.48 10.27 -6.54
C VAL B 81 4.73 10.08 -7.42
N ASP B 82 4.55 10.31 -8.71
CA ASP B 82 5.55 10.04 -9.73
C ASP B 82 6.69 11.04 -9.64
N ASN B 83 7.88 10.56 -10.00
CA ASN B 83 9.06 11.42 -10.01
C ASN B 83 8.84 12.71 -10.83
N ASP B 84 8.07 12.61 -11.92
CA ASP B 84 7.89 13.71 -12.85
C ASP B 84 6.64 14.56 -12.55
N TYR B 85 5.93 14.28 -11.43
CA TYR B 85 4.75 15.08 -11.09
C TYR B 85 5.18 16.42 -10.49
N ARG B 86 4.59 17.51 -11.00
CA ARG B 86 4.96 18.84 -10.55
C ARG B 86 3.73 19.56 -10.01
N GLY B 87 2.59 18.86 -9.92
CA GLY B 87 1.37 19.46 -9.36
C GLY B 87 1.37 19.46 -7.82
N GLU B 88 0.23 19.87 -7.28
CA GLU B 88 0.04 19.89 -5.84
C GLU B 88 -0.16 18.47 -5.32
N ILE B 89 0.48 18.17 -4.20
CA ILE B 89 0.24 16.91 -3.51
C ILE B 89 -1.13 16.97 -2.85
N LYS B 90 -1.97 15.96 -3.11
CA LYS B 90 -3.33 15.90 -2.58
C LYS B 90 -3.57 14.50 -2.01
N VAL B 91 -4.40 14.43 -0.97
CA VAL B 91 -4.68 13.19 -0.28
C VAL B 91 -6.18 12.91 -0.38
N ILE B 92 -6.50 11.70 -0.85
CA ILE B 92 -7.87 11.22 -0.88
C ILE B 92 -8.14 10.47 0.42
N LEU B 93 -8.93 11.08 1.34
CA LEU B 93 -9.24 10.43 2.60
C LEU B 93 -10.63 9.83 2.52
N ALA B 94 -10.77 8.57 2.89
CA ALA B 94 -12.07 7.94 3.04
C ALA B 94 -12.40 7.80 4.52
N ASN B 95 -13.67 8.06 4.84
CA ASN B 95 -14.24 7.87 6.16
C ASN B 95 -15.13 6.64 6.05
N LEU B 96 -14.68 5.51 6.61
CA LEU B 96 -15.45 4.27 6.57
C LEU B 96 -16.30 4.14 7.84
N SER B 97 -16.29 5.14 8.74
CA SER B 97 -17.06 5.10 9.98
C SER B 97 -18.49 5.58 9.74
N ASP B 98 -19.27 5.51 10.83
CA ASP B 98 -20.61 6.07 10.89
C ASP B 98 -20.66 7.49 11.44
N LYS B 99 -19.49 8.14 11.68
CA LYS B 99 -19.43 9.45 12.33
C LYS B 99 -18.79 10.44 11.36
N ASP B 100 -19.18 11.72 11.41
CA ASP B 100 -18.49 12.76 10.69
C ASP B 100 -17.01 12.83 11.13
N PHE B 101 -16.10 13.10 10.19
CA PHE B 101 -14.69 13.28 10.52
C PHE B 101 -14.23 14.64 10.00
N LYS B 102 -13.69 15.46 10.91
CA LYS B 102 -13.31 16.81 10.55
C LYS B 102 -11.80 16.88 10.45
N VAL B 103 -11.31 17.32 9.30
CA VAL B 103 -9.89 17.60 9.13
C VAL B 103 -9.71 19.10 9.41
N GLN B 104 -8.88 19.48 10.37
CA GLN B 104 -8.56 20.88 10.63
C GLN B 104 -7.27 21.29 9.93
N VAL B 105 -7.13 22.61 9.71
CA VAL B 105 -5.94 23.13 9.08
C VAL B 105 -4.75 22.70 9.94
N GLY B 106 -3.69 22.18 9.31
CA GLY B 106 -2.49 21.76 10.01
C GLY B 106 -2.50 20.30 10.46
N ASP B 107 -3.65 19.64 10.37
CA ASP B 107 -3.77 18.26 10.81
C ASP B 107 -2.90 17.35 9.93
N ARG B 108 -2.18 16.43 10.57
CA ARG B 108 -1.36 15.45 9.88
C ARG B 108 -2.20 14.24 9.57
N ILE B 109 -2.64 14.12 8.33
CA ILE B 109 -3.67 13.14 7.99
C ILE B 109 -3.18 12.04 7.03
N ALA B 110 -1.86 12.05 6.72
CA ALA B 110 -1.24 11.01 5.91
C ALA B 110 0.27 11.19 6.06
N GLN B 111 1.03 10.24 5.50
CA GLN B 111 2.48 10.34 5.55
C GLN B 111 3.02 10.04 4.14
N GLY B 112 4.14 10.70 3.82
CA GLY B 112 4.88 10.44 2.60
C GLY B 112 6.10 9.59 2.88
N VAL B 113 6.33 8.53 2.09
CA VAL B 113 7.49 7.68 2.22
C VAL B 113 8.19 7.62 0.86
N VAL B 114 9.46 8.03 0.83
CA VAL B 114 10.27 7.94 -0.37
C VAL B 114 10.70 6.51 -0.60
N GLN B 115 10.62 6.10 -1.88
CA GLN B 115 11.13 4.79 -2.30
C GLN B 115 11.85 4.96 -3.62
N LYS B 116 12.87 4.13 -3.85
CA LYS B 116 13.56 4.04 -5.12
C LYS B 116 12.66 3.34 -6.13
N THR B 117 12.74 3.79 -7.41
CA THR B 117 11.95 3.16 -8.47
C THR B 117 12.82 2.26 -9.35
N TYR B 118 12.17 1.30 -9.99
CA TYR B 118 12.82 0.29 -10.82
C TYR B 118 11.97 0.09 -12.07
N LYS B 119 12.47 0.47 -13.24
CA LYS B 119 11.67 0.41 -14.46
C LYS B 119 11.83 -0.99 -15.08
N ALA B 120 10.69 -1.55 -15.50
CA ALA B 120 10.61 -2.85 -16.14
C ALA B 120 10.74 -2.72 -17.65
N GLU B 121 11.43 -3.66 -18.28
CA GLU B 121 11.26 -3.92 -19.71
C GLU B 121 10.55 -5.26 -19.87
N PHE B 122 9.49 -5.29 -20.67
CA PHE B 122 8.73 -6.50 -20.91
C PHE B 122 9.30 -7.22 -22.13
N ILE B 123 9.46 -8.54 -22.02
CA ILE B 123 9.74 -9.40 -23.17
C ILE B 123 8.63 -10.42 -23.30
N GLU B 124 7.89 -10.39 -24.41
CA GLU B 124 6.80 -11.36 -24.56
C GLU B 124 7.37 -12.73 -24.94
N CYS B 125 6.86 -13.77 -24.25
CA CYS B 125 7.27 -15.15 -24.42
CA CYS B 125 7.27 -15.12 -24.62
C CYS B 125 6.06 -16.05 -24.63
N GLU B 126 6.27 -17.20 -25.24
CA GLU B 126 5.23 -18.20 -25.45
C GLU B 126 5.01 -18.97 -24.15
N GLN B 127 6.08 -19.19 -23.37
CA GLN B 127 6.00 -19.99 -22.16
C GLN B 127 6.89 -19.40 -21.08
N LEU B 128 6.53 -19.57 -19.80
CA LEU B 128 7.35 -19.09 -18.69
C LEU B 128 8.01 -20.27 -17.99
N ASP B 129 9.08 -20.01 -17.23
CA ASP B 129 9.69 -21.00 -16.34
C ASP B 129 8.71 -21.38 -15.22
N GLU B 130 8.79 -22.63 -14.78
CA GLU B 130 7.89 -23.19 -13.78
C GLU B 130 8.51 -22.94 -12.40
N THR B 131 7.64 -22.84 -11.39
CA THR B 131 8.03 -22.64 -9.99
C THR B 131 7.17 -23.55 -9.13
N SER B 132 7.50 -23.70 -7.84
CA SER B 132 6.67 -24.50 -6.94
CA SER B 132 6.67 -24.49 -6.93
C SER B 132 5.37 -23.76 -6.59
N ARG B 133 5.42 -22.44 -6.38
CA ARG B 133 4.15 -21.71 -6.21
C ARG B 133 3.27 -21.90 -7.46
N GLY B 134 3.86 -21.75 -8.64
CA GLY B 134 3.15 -21.89 -9.89
C GLY B 134 2.03 -20.86 -9.96
N SER B 135 0.82 -21.35 -10.29
CA SER B 135 -0.36 -20.49 -10.42
C SER B 135 -1.13 -20.33 -9.11
N GLY B 136 -0.59 -20.85 -7.99
CA GLY B 136 -1.23 -20.66 -6.70
C GLY B 136 -1.18 -19.20 -6.26
N GLY B 137 -2.38 -18.66 -5.93
CA GLY B 137 -2.53 -17.34 -5.35
C GLY B 137 -3.85 -17.22 -4.64
N PHE B 138 -4.20 -15.98 -4.23
CA PHE B 138 -5.47 -15.72 -3.56
C PHE B 138 -5.81 -16.75 -2.49
N GLY B 139 -4.90 -17.03 -1.56
CA GLY B 139 -5.23 -17.91 -0.42
C GLY B 139 -4.73 -19.35 -0.60
N SER B 140 -3.99 -19.64 -1.69
CA SER B 140 -3.43 -20.97 -1.98
C SER B 140 -2.61 -21.56 -0.82
N THR B 141 -2.04 -20.72 0.09
CA THR B 141 -1.21 -21.24 1.18
C THR B 141 -2.02 -21.43 2.46
N GLY B 142 -3.32 -21.06 2.46
CA GLY B 142 -4.20 -21.26 3.60
C GLY B 142 -4.19 -20.06 4.57
N VAL B 143 -5.02 -20.13 5.63
CA VAL B 143 -5.10 -19.11 6.67
C VAL B 143 -4.69 -19.69 8.04
N SER B 144 -5.18 -20.88 8.40
CA SER B 144 -4.92 -21.44 9.74
C SER B 144 -4.03 -22.68 9.70
N LYS B 145 -3.81 -23.22 8.50
CA LYS B 145 -2.95 -24.36 8.24
C LYS B 145 -2.50 -24.24 6.77
N ALA C 1 16.10 -1.41 -16.07
CA ALA C 1 16.52 -1.80 -14.70
C ALA C 1 16.41 -3.31 -14.56
N MET C 2 15.27 -3.86 -15.04
CA MET C 2 15.04 -5.27 -14.87
C MET C 2 14.09 -5.78 -15.95
N LYS C 3 14.05 -7.10 -16.11
CA LYS C 3 13.30 -7.72 -17.19
C LYS C 3 12.09 -8.47 -16.62
N ILE C 4 10.97 -8.36 -17.33
CA ILE C 4 9.78 -9.15 -17.05
C ILE C 4 9.39 -9.92 -18.30
N LYS C 5 9.38 -11.23 -18.17
CA LYS C 5 8.86 -12.10 -19.20
C LYS C 5 7.35 -12.13 -19.03
N ILE C 6 6.62 -11.89 -20.13
CA ILE C 6 5.18 -11.79 -20.11
C ILE C 6 4.57 -12.77 -21.12
N GLN C 7 3.61 -13.56 -20.65
CA GLN C 7 2.83 -14.48 -21.46
C GLN C 7 1.37 -14.03 -21.51
N LYS C 8 0.86 -13.74 -22.72
CA LYS C 8 -0.54 -13.35 -22.86
C LYS C 8 -1.42 -14.59 -22.88
N ILE C 9 -2.53 -14.60 -22.13
CA ILE C 9 -3.40 -15.78 -22.12
C ILE C 9 -4.82 -15.40 -22.51
N HIS C 10 -5.02 -14.15 -22.94
CA HIS C 10 -6.32 -13.69 -23.37
C HIS C 10 -6.13 -12.87 -24.63
N PRO C 11 -7.00 -13.01 -25.65
CA PRO C 11 -6.93 -12.17 -26.85
C PRO C 11 -6.81 -10.67 -26.59
N ASN C 12 -7.43 -10.17 -25.52
CA ASN C 12 -7.42 -8.72 -25.25
C ASN C 12 -6.25 -8.26 -24.38
N ALA C 13 -5.34 -9.17 -24.04
CA ALA C 13 -4.24 -8.81 -23.13
C ALA C 13 -3.33 -7.78 -23.80
N LEU C 14 -2.90 -6.81 -22.98
CA LEU C 14 -1.99 -5.77 -23.43
C LEU C 14 -0.73 -5.79 -22.58
N ILE C 15 0.42 -5.65 -23.23
CA ILE C 15 1.64 -5.40 -22.51
C ILE C 15 1.50 -4.05 -21.82
N PRO C 16 1.61 -3.97 -20.47
CA PRO C 16 1.45 -2.68 -19.80
C PRO C 16 2.50 -1.65 -20.22
N LYS C 17 2.08 -0.37 -20.20
CA LYS C 17 2.95 0.75 -20.53
C LYS C 17 3.01 1.76 -19.37
N TYR C 18 4.21 2.31 -19.20
CA TYR C 18 4.42 3.51 -18.38
C TYR C 18 3.76 4.70 -19.09
N GLN C 19 2.73 5.32 -18.49
CA GLN C 19 1.87 6.28 -19.20
C GLN C 19 2.56 7.65 -19.32
N THR C 20 3.55 7.97 -18.48
CA THR C 20 4.46 9.09 -18.66
CA THR C 20 4.47 9.07 -18.72
C THR C 20 5.88 8.58 -18.46
N ASP C 21 6.89 9.35 -18.89
CA ASP C 21 8.29 8.94 -18.84
C ASP C 21 8.80 8.73 -17.41
N GLY C 22 8.30 9.51 -16.44
CA GLY C 22 8.78 9.42 -15.07
C GLY C 22 7.79 8.68 -14.15
N SER C 23 6.86 7.93 -14.75
CA SER C 23 5.85 7.20 -14.02
C SER C 23 6.50 6.08 -13.23
N SER C 24 6.06 5.89 -11.99
CA SER C 24 6.50 4.78 -11.16
C SER C 24 5.97 3.46 -11.75
N GLY C 25 4.73 3.51 -12.22
CA GLY C 25 3.97 2.32 -12.53
C GLY C 25 3.53 2.25 -13.99
N PHE C 26 3.12 1.04 -14.35
CA PHE C 26 2.52 0.78 -15.64
C PHE C 26 1.08 0.36 -15.40
N ASP C 27 0.16 0.85 -16.23
CA ASP C 27 -1.26 0.62 -15.99
C ASP C 27 -1.62 -0.78 -16.50
N LEU C 28 -2.54 -1.42 -15.77
CA LEU C 28 -3.03 -2.76 -16.07
C LEU C 28 -4.41 -2.67 -16.70
N HIS C 29 -4.57 -3.33 -17.87
CA HIS C 29 -5.79 -3.27 -18.67
C HIS C 29 -6.66 -4.50 -18.42
N ALA C 30 -7.94 -4.27 -18.08
CA ALA C 30 -8.93 -5.34 -18.02
C ALA C 30 -9.04 -6.03 -19.38
N VAL C 31 -9.22 -7.36 -19.38
CA VAL C 31 -9.41 -8.06 -20.64
C VAL C 31 -10.87 -8.43 -20.86
N GLU C 32 -11.69 -8.35 -19.81
CA GLU C 32 -13.10 -8.65 -19.90
C GLU C 32 -13.90 -7.62 -19.12
N GLU C 33 -15.18 -7.43 -19.51
CA GLU C 33 -16.07 -6.54 -18.80
C GLU C 33 -16.51 -7.15 -17.47
N VAL C 34 -16.57 -6.32 -16.41
CA VAL C 34 -17.08 -6.79 -15.13
C VAL C 34 -17.85 -5.64 -14.48
N MET C 35 -19.02 -6.00 -13.95
CA MET C 35 -19.92 -5.04 -13.33
C MET C 35 -19.74 -5.18 -11.83
N ILE C 36 -19.43 -4.08 -11.13
CA ILE C 36 -19.25 -4.19 -9.69
C ILE C 36 -20.34 -3.38 -9.01
N LYS C 37 -21.15 -4.09 -8.21
CA LYS C 37 -22.31 -3.52 -7.55
C LYS C 37 -21.83 -2.61 -6.40
N PRO C 38 -22.70 -1.72 -5.88
CA PRO C 38 -22.38 -0.91 -4.70
C PRO C 38 -21.92 -1.77 -3.54
N HIS C 39 -20.88 -1.31 -2.81
CA HIS C 39 -20.42 -1.94 -1.58
C HIS C 39 -20.06 -3.41 -1.79
N SER C 40 -19.46 -3.71 -2.95
CA SER C 40 -19.04 -5.06 -3.22
C SER C 40 -17.70 -5.06 -3.96
N VAL C 41 -17.25 -6.26 -4.28
CA VAL C 41 -15.94 -6.53 -4.84
C VAL C 41 -16.12 -7.27 -6.15
N GLY C 42 -15.25 -7.00 -7.13
CA GLY C 42 -15.15 -7.81 -8.31
C GLY C 42 -13.69 -8.16 -8.60
N LEU C 43 -13.51 -9.28 -9.30
CA LEU C 43 -12.19 -9.75 -9.63
C LEU C 43 -11.96 -9.44 -11.11
N VAL C 44 -10.96 -8.61 -11.43
CA VAL C 44 -10.70 -8.21 -12.79
C VAL C 44 -9.49 -8.97 -13.32
N LYS C 45 -9.66 -9.66 -14.44
CA LYS C 45 -8.58 -10.39 -15.09
C LYS C 45 -7.77 -9.46 -15.98
N ILE C 46 -6.44 -9.64 -15.96
CA ILE C 46 -5.53 -8.85 -16.78
C ILE C 46 -5.02 -9.71 -17.95
N GLY C 47 -5.20 -11.04 -17.88
CA GLY C 47 -4.95 -11.90 -19.03
C GLY C 47 -3.47 -12.08 -19.36
N ILE C 48 -2.61 -11.84 -18.34
CA ILE C 48 -1.18 -11.95 -18.47
C ILE C 48 -0.64 -12.76 -17.31
N CYS C 49 0.42 -13.50 -17.60
CA CYS C 49 1.20 -14.22 -16.60
C CYS C 49 2.62 -13.66 -16.71
N LEU C 50 3.31 -13.50 -15.58
CA LEU C 50 4.62 -12.86 -15.55
C LEU C 50 5.68 -13.76 -14.93
N SER C 51 6.93 -13.56 -15.41
CA SER C 51 8.11 -14.00 -14.71
C SER C 51 9.05 -12.81 -14.54
N LEU C 52 9.03 -12.22 -13.35
CA LEU C 52 9.91 -11.14 -12.95
C LEU C 52 11.32 -11.71 -12.76
N GLU C 53 12.32 -10.94 -13.19
CA GLU C 53 13.68 -11.20 -12.84
C GLU C 53 13.76 -11.43 -11.33
N VAL C 54 14.63 -12.36 -10.93
CA VAL C 54 14.83 -12.73 -9.53
C VAL C 54 15.21 -11.49 -8.73
N GLY C 55 14.63 -11.34 -7.55
CA GLY C 55 14.97 -10.24 -6.65
C GLY C 55 14.00 -9.05 -6.72
N TYR C 56 12.88 -9.24 -7.41
CA TYR C 56 11.87 -8.21 -7.61
C TYR C 56 10.48 -8.79 -7.39
N GLU C 57 9.58 -7.91 -6.99
CA GLU C 57 8.13 -8.16 -6.85
C GLU C 57 7.40 -7.13 -7.69
N LEU C 58 6.12 -7.34 -7.88
CA LEU C 58 5.21 -6.38 -8.48
C LEU C 58 4.14 -6.01 -7.45
N GLN C 59 3.96 -4.71 -7.22
CA GLN C 59 2.88 -4.21 -6.41
C GLN C 59 1.71 -3.76 -7.30
N VAL C 60 0.50 -4.19 -6.94
CA VAL C 60 -0.72 -3.79 -7.64
C VAL C 60 -1.38 -2.68 -6.81
N ARG C 61 -1.36 -1.46 -7.37
CA ARG C 61 -1.80 -0.28 -6.64
C ARG C 61 -3.04 0.36 -7.27
N THR C 62 -3.80 1.03 -6.39
CA THR C 62 -4.94 1.83 -6.76
C THR C 62 -4.52 3.05 -7.61
N ARG C 63 -5.33 3.38 -8.62
CA ARG C 63 -5.26 4.61 -9.38
C ARG C 63 -6.07 5.71 -8.69
N SER C 64 -5.46 6.88 -8.52
CA SER C 64 -6.00 7.98 -7.74
C SER C 64 -7.30 8.53 -8.35
N GLY C 65 -7.40 8.63 -9.67
CA GLY C 65 -8.57 9.24 -10.29
C GLY C 65 -9.86 8.44 -10.04
N LEU C 66 -9.79 7.12 -10.22
CA LEU C 66 -10.93 6.24 -9.98
C LEU C 66 -11.29 6.20 -8.50
N ALA C 67 -10.30 6.29 -7.59
CA ALA C 67 -10.57 6.35 -6.17
C ALA C 67 -11.34 7.63 -5.84
N LEU C 68 -10.84 8.78 -6.31
CA LEU C 68 -11.46 10.05 -5.95
C LEU C 68 -12.86 10.14 -6.56
N ASN C 69 -12.98 9.79 -7.84
CA ASN C 69 -14.18 10.10 -8.61
C ASN C 69 -15.25 9.02 -8.50
N HIS C 70 -14.88 7.76 -8.20
CA HIS C 70 -15.83 6.67 -8.17
C HIS C 70 -15.76 5.83 -6.90
N GLN C 71 -14.87 6.18 -5.96
CA GLN C 71 -14.70 5.45 -4.71
C GLN C 71 -14.45 3.98 -5.02
N VAL C 72 -13.66 3.73 -6.08
CA VAL C 72 -13.21 2.41 -6.46
C VAL C 72 -11.72 2.33 -6.08
N MET C 73 -11.34 1.21 -5.44
CA MET C 73 -9.93 0.99 -5.15
C MET C 73 -9.58 -0.49 -5.22
N VAL C 74 -8.27 -0.75 -5.21
CA VAL C 74 -7.74 -2.10 -5.15
C VAL C 74 -7.77 -2.52 -3.69
N LEU C 75 -8.59 -3.52 -3.35
CA LEU C 75 -8.95 -3.74 -1.96
C LEU C 75 -7.74 -4.22 -1.15
N ASN C 76 -6.85 -4.99 -1.79
CA ASN C 76 -5.62 -5.46 -1.17
C ASN C 76 -4.40 -4.59 -1.50
N SER C 77 -4.61 -3.32 -1.89
CA SER C 77 -3.52 -2.42 -2.24
C SER C 77 -2.54 -2.32 -1.07
N PRO C 78 -1.20 -2.39 -1.30
CA PRO C 78 -0.60 -2.74 -2.59
C PRO C 78 -0.61 -4.25 -2.68
N GLY C 79 -1.24 -4.79 -3.74
CA GLY C 79 -1.31 -6.21 -3.93
C GLY C 79 0.08 -6.77 -4.18
N THR C 80 0.41 -7.88 -3.49
CA THR C 80 1.74 -8.46 -3.58
C THR C 80 1.71 -9.53 -4.67
N VAL C 81 2.38 -9.25 -5.79
CA VAL C 81 2.69 -10.29 -6.77
C VAL C 81 4.11 -10.80 -6.55
N ASP C 82 4.17 -12.05 -6.07
CA ASP C 82 5.42 -12.68 -5.68
C ASP C 82 6.26 -13.01 -6.90
N ASN C 83 7.57 -12.98 -6.69
CA ASN C 83 8.54 -13.29 -7.73
C ASN C 83 8.26 -14.67 -8.36
N ASP C 84 7.79 -15.64 -7.55
CA ASP C 84 7.59 -17.01 -8.03
C ASP C 84 6.16 -17.29 -8.51
N TYR C 85 5.31 -16.26 -8.58
CA TYR C 85 3.96 -16.50 -9.09
C TYR C 85 3.95 -16.63 -10.61
N ARG C 86 3.30 -17.67 -11.15
CA ARG C 86 3.25 -17.85 -12.58
C ARG C 86 1.81 -17.94 -13.07
N GLY C 87 0.85 -17.57 -12.23
CA GLY C 87 -0.55 -17.56 -12.61
C GLY C 87 -0.93 -16.27 -13.30
N GLU C 88 -2.23 -16.12 -13.55
CA GLU C 88 -2.75 -14.92 -14.18
C GLU C 88 -2.78 -13.78 -13.16
N ILE C 89 -2.33 -12.60 -13.58
CA ILE C 89 -2.47 -11.41 -12.78
C ILE C 89 -3.94 -11.03 -12.72
N LYS C 90 -4.45 -10.85 -11.50
CA LYS C 90 -5.84 -10.44 -11.28
C LYS C 90 -5.88 -9.31 -10.27
N VAL C 91 -6.90 -8.46 -10.37
CA VAL C 91 -7.05 -7.29 -9.54
C VAL C 91 -8.38 -7.36 -8.79
N ILE C 92 -8.33 -7.20 -7.47
CA ILE C 92 -9.52 -7.17 -6.65
C ILE C 92 -9.96 -5.71 -6.50
N LEU C 93 -11.04 -5.33 -7.19
CA LEU C 93 -11.55 -3.97 -7.11
C LEU C 93 -12.73 -3.94 -6.16
N ALA C 94 -12.70 -3.01 -5.20
CA ALA C 94 -13.84 -2.74 -4.34
C ALA C 94 -14.49 -1.43 -4.78
N ASN C 95 -15.82 -1.47 -4.82
CA ASN C 95 -16.68 -0.33 -5.09
C ASN C 95 -17.29 0.10 -3.76
N LEU C 96 -16.77 1.19 -3.19
CA LEU C 96 -17.26 1.66 -1.91
C LEU C 96 -18.36 2.70 -2.12
N SER C 97 -18.77 2.99 -3.37
CA SER C 97 -19.81 3.95 -3.66
C SER C 97 -21.21 3.32 -3.60
N ASP C 98 -22.21 4.17 -3.83
CA ASP C 98 -23.61 3.79 -3.93
C ASP C 98 -24.04 3.50 -5.37
N LYS C 99 -23.13 3.57 -6.35
CA LYS C 99 -23.46 3.45 -7.75
C LYS C 99 -22.76 2.21 -8.32
N ASP C 100 -23.38 1.57 -9.30
CA ASP C 100 -22.73 0.53 -10.08
C ASP C 100 -21.46 1.06 -10.75
N PHE C 101 -20.41 0.22 -10.81
CA PHE C 101 -19.20 0.59 -11.52
C PHE C 101 -18.89 -0.48 -12.56
N LYS C 102 -18.77 -0.08 -13.82
CA LYS C 102 -18.60 -1.03 -14.90
C LYS C 102 -17.17 -0.89 -15.41
N VAL C 103 -16.47 -2.02 -15.43
CA VAL C 103 -15.18 -2.11 -16.07
C VAL C 103 -15.36 -2.58 -17.51
N GLN C 104 -14.90 -1.80 -18.49
CA GLN C 104 -14.92 -2.21 -19.89
C GLN C 104 -13.57 -2.80 -20.32
N VAL C 105 -13.60 -3.56 -21.42
CA VAL C 105 -12.39 -4.14 -21.98
C VAL C 105 -11.41 -3.02 -22.25
N GLY C 106 -10.14 -3.20 -21.84
CA GLY C 106 -9.10 -2.21 -22.10
C GLY C 106 -8.98 -1.14 -21.03
N ASP C 107 -9.96 -1.08 -20.09
CA ASP C 107 -9.94 -0.08 -19.04
C ASP C 107 -8.73 -0.30 -18.14
N ARG C 108 -8.00 0.80 -17.84
CA ARG C 108 -6.86 0.79 -16.94
C ARG C 108 -7.39 0.97 -15.53
N ILE C 109 -7.45 -0.12 -14.77
CA ILE C 109 -8.14 -0.10 -13.48
C ILE C 109 -7.19 -0.35 -12.29
N ALA C 110 -5.88 -0.38 -12.55
CA ALA C 110 -4.88 -0.48 -11.50
C ALA C 110 -3.54 -0.17 -12.14
N GLN C 111 -2.50 -0.03 -11.31
CA GLN C 111 -1.15 0.13 -11.82
C GLN C 111 -0.22 -0.85 -11.13
N GLY C 112 0.78 -1.33 -11.91
CA GLY C 112 1.79 -2.23 -11.39
C GLY C 112 3.08 -1.43 -11.16
N VAL C 113 3.72 -1.62 -10.01
CA VAL C 113 4.98 -0.95 -9.69
C VAL C 113 5.94 -2.03 -9.25
N VAL C 114 7.10 -2.12 -9.93
CA VAL C 114 8.15 -3.05 -9.58
C VAL C 114 8.92 -2.48 -8.40
N GLN C 115 9.22 -3.37 -7.44
CA GLN C 115 10.07 -3.04 -6.32
C GLN C 115 11.04 -4.18 -6.12
N LYS C 116 12.26 -3.82 -5.69
CA LYS C 116 13.25 -4.78 -5.23
C LYS C 116 12.78 -5.40 -3.91
N THR C 117 13.07 -6.69 -3.70
CA THR C 117 12.72 -7.37 -2.47
C THR C 117 13.97 -7.56 -1.61
N TYR C 118 13.71 -7.71 -0.31
CA TYR C 118 14.77 -7.86 0.67
C TYR C 118 14.35 -8.96 1.64
N LYS C 119 15.11 -10.06 1.68
CA LYS C 119 14.75 -11.18 2.52
C LYS C 119 15.28 -10.96 3.95
N ALA C 120 14.38 -11.18 4.91
CA ALA C 120 14.72 -11.09 6.32
C ALA C 120 15.21 -12.45 6.84
N GLU C 121 16.22 -12.39 7.67
CA GLU C 121 16.69 -13.46 8.52
C GLU C 121 16.33 -13.08 9.95
N PHE C 122 15.50 -13.88 10.63
CA PHE C 122 15.08 -13.59 11.99
C PHE C 122 16.08 -14.15 13.00
N ILE C 123 16.41 -13.35 14.01
CA ILE C 123 17.25 -13.76 15.11
C ILE C 123 16.49 -13.54 16.40
N GLU C 124 16.22 -14.62 17.13
CA GLU C 124 15.55 -14.51 18.40
C GLU C 124 16.43 -13.89 19.47
N CYS C 125 15.84 -12.96 20.22
CA CYS C 125 16.49 -12.16 21.24
C CYS C 125 15.58 -12.10 22.45
N GLU C 126 16.21 -12.04 23.61
CA GLU C 126 15.49 -11.89 24.86
C GLU C 126 15.13 -10.44 25.08
N GLN C 127 15.95 -9.51 24.59
CA GLN C 127 15.73 -8.09 24.75
C GLN C 127 16.20 -7.36 23.50
N LEU C 128 15.54 -6.25 23.17
CA LEU C 128 15.93 -5.42 22.04
C LEU C 128 16.61 -4.14 22.54
N ASP C 129 17.34 -3.50 21.64
CA ASP C 129 17.89 -2.16 21.87
C ASP C 129 16.77 -1.14 22.02
N GLU C 130 17.01 -0.11 22.87
CA GLU C 130 16.03 0.92 23.19
C GLU C 130 16.16 2.07 22.20
N THR C 131 15.04 2.73 21.88
CA THR C 131 14.97 3.87 20.97
C THR C 131 14.06 4.92 21.60
N SER C 132 14.02 6.14 21.03
CA SER C 132 13.12 7.19 21.51
C SER C 132 11.65 6.89 21.19
N ARG C 133 11.37 6.41 19.98
CA ARG C 133 10.01 5.98 19.66
C ARG C 133 9.55 4.90 20.64
N GLY C 134 10.43 3.90 20.89
CA GLY C 134 10.10 2.83 21.81
C GLY C 134 8.83 2.12 21.35
N SER C 135 7.87 1.90 22.27
CA SER C 135 6.60 1.24 21.96
C SER C 135 5.51 2.19 21.44
N GLY C 136 5.83 3.46 21.23
CA GLY C 136 4.89 4.43 20.67
C GLY C 136 4.54 4.13 19.22
N GLY C 137 3.24 3.99 18.99
CA GLY C 137 2.64 3.86 17.69
C GLY C 137 1.16 4.23 17.75
N PHE C 138 0.46 3.98 16.66
CA PHE C 138 -0.97 4.23 16.54
C PHE C 138 -1.35 5.61 17.09
N GLY C 139 -0.70 6.65 16.59
CA GLY C 139 -1.07 8.03 16.88
C GLY C 139 -0.26 8.64 18.01
N SER C 140 0.81 7.96 18.46
CA SER C 140 1.68 8.41 19.55
C SER C 140 2.23 9.83 19.31
N THR C 141 2.37 10.26 18.03
CA THR C 141 2.98 11.57 17.76
C THR C 141 1.91 12.66 17.58
N GLY C 142 0.61 12.30 17.71
CA GLY C 142 -0.50 13.24 17.63
C GLY C 142 -0.98 13.45 16.18
N VAL C 143 -1.98 14.31 16.03
CA VAL C 143 -2.56 14.70 14.74
C VAL C 143 -2.42 16.22 14.53
N SER C 144 -2.76 17.03 15.53
CA SER C 144 -3.03 18.45 15.38
C SER C 144 -1.72 19.22 15.47
N LYS C 145 -1.54 20.22 14.58
CA LYS C 145 -0.27 20.95 14.49
C LYS C 145 -0.02 21.63 15.84
#